data_2GJL
#
_entry.id   2GJL
#
_cell.length_a   93.546
_cell.length_b   93.546
_cell.length_c   80.704
_cell.angle_alpha   90.00
_cell.angle_beta   90.00
_cell.angle_gamma   120.00
#
_symmetry.space_group_name_H-M   'P 31 2 1'
#
loop_
_entity.id
_entity.type
_entity.pdbx_description
1 polymer 'hypothetical protein PA1024'
2 non-polymer 'FLAVIN MONONUCLEOTIDE'
3 water water
#
_entity_poly.entity_id   1
_entity_poly.type   'polypeptide(L)'
_entity_poly.pdbx_seq_one_letter_code
;MGVFRTRFTETFGVEHPIMQGGMQWVGRAEMAAAVANAGGLATLSALTQPSPEALAAEIARCRELTDRPFGVNLTLLPTQ
KPVPYAEYRAAIIEAGIRVVETAGNDPGEHIAEFRRHGVKVIHKCTAVRHALKAERLGVDAVSIDGFECAGHPGEDDIPG
LVLLPAAANRLRVPIIASGGFADGRGLVAALALGADAINMGTRFLATRECPIHPAVKAAIRAADERSTDLIMRSLRNTAR
VARNAISQEVLAIEARGGAGYADIAALVSGQRGRQVYQQGDTDLGIWSAGMVQGLIDDEPACAELLRDIVEQARQLVRQR
LEGMLAGV
;
_entity_poly.pdbx_strand_id   A
#
# COMPACT_ATOMS: atom_id res chain seq x y z
N VAL A 3 11.59 -19.00 0.53
CA VAL A 3 12.43 -18.98 1.77
C VAL A 3 11.52 -19.08 2.99
N PHE A 4 10.47 -18.26 3.01
CA PHE A 4 9.52 -18.26 4.09
C PHE A 4 8.18 -18.81 3.64
N ARG A 5 7.59 -19.65 4.47
CA ARG A 5 6.28 -20.20 4.18
C ARG A 5 5.39 -19.70 5.30
N THR A 6 4.35 -18.96 4.97
CA THR A 6 3.44 -18.43 5.99
C THR A 6 2.01 -18.60 5.56
N ARG A 7 1.08 -18.24 6.45
CA ARG A 7 -0.33 -18.35 6.14
C ARG A 7 -0.63 -17.50 4.93
N PHE A 8 0.15 -16.43 4.75
CA PHE A 8 -0.02 -15.53 3.62
C PHE A 8 0.37 -16.18 2.29
N THR A 9 1.58 -16.73 2.22
CA THR A 9 2.03 -17.36 0.99
C THR A 9 1.14 -18.54 0.60
N GLU A 10 0.67 -19.28 1.61
CA GLU A 10 -0.18 -20.43 1.37
C GLU A 10 -1.58 -20.02 0.90
N THR A 11 -2.14 -19.01 1.55
CA THR A 11 -3.48 -18.54 1.20
C THR A 11 -3.57 -17.90 -0.18
N PHE A 12 -2.59 -17.07 -0.53
CA PHE A 12 -2.63 -16.39 -1.82
C PHE A 12 -1.76 -16.97 -2.93
N GLY A 13 -1.09 -18.08 -2.63
CA GLY A 13 -0.27 -18.75 -3.62
C GLY A 13 0.91 -18.01 -4.22
N VAL A 14 1.64 -17.27 -3.39
CA VAL A 14 2.80 -16.55 -3.88
C VAL A 14 4.04 -17.07 -3.15
N GLU A 15 5.20 -16.83 -3.74
CA GLU A 15 6.47 -17.29 -3.18
C GLU A 15 6.97 -16.60 -1.92
N HIS A 16 6.81 -15.28 -1.85
CA HIS A 16 7.28 -14.51 -0.70
C HIS A 16 6.14 -13.83 0.07
N PRO A 17 6.30 -13.71 1.40
CA PRO A 17 5.28 -13.07 2.26
C PRO A 17 5.44 -11.55 2.15
N ILE A 18 5.43 -11.06 0.92
CA ILE A 18 5.58 -9.65 0.64
C ILE A 18 4.53 -9.21 -0.36
N MET A 19 3.87 -8.09 -0.08
CA MET A 19 2.83 -7.56 -0.93
C MET A 19 3.09 -6.11 -1.34
N GLN A 20 2.67 -5.77 -2.55
CA GLN A 20 2.79 -4.41 -3.07
C GLN A 20 1.35 -3.94 -3.25
N GLY A 21 0.83 -3.25 -2.24
CA GLY A 21 -0.55 -2.78 -2.27
C GLY A 21 -0.85 -1.60 -3.17
N GLY A 22 -2.08 -1.11 -3.06
CA GLY A 22 -2.52 0.00 -3.87
C GLY A 22 -1.58 1.19 -3.92
N MET A 23 -1.39 1.75 -5.12
CA MET A 23 -0.55 2.91 -5.31
C MET A 23 -1.13 3.75 -6.44
N GLN A 24 -1.96 4.74 -6.06
CA GLN A 24 -2.59 5.63 -7.03
C GLN A 24 -1.52 6.24 -7.94
N TRP A 25 -1.81 6.28 -9.24
CA TRP A 25 -0.92 6.85 -10.25
C TRP A 25 0.27 5.95 -10.58
N VAL A 26 0.88 5.38 -9.55
CA VAL A 26 2.06 4.53 -9.71
C VAL A 26 1.79 3.05 -9.98
N GLY A 27 0.69 2.53 -9.43
CA GLY A 27 0.36 1.13 -9.58
C GLY A 27 -0.13 0.71 -10.95
N ARG A 28 0.76 0.79 -11.94
CA ARG A 28 0.43 0.42 -13.32
C ARG A 28 1.09 -0.91 -13.69
N ALA A 29 0.85 -1.33 -14.93
CA ALA A 29 1.39 -2.60 -15.42
C ALA A 29 2.85 -2.89 -15.07
N GLU A 30 3.73 -1.92 -15.32
CA GLU A 30 5.16 -2.10 -15.04
C GLU A 30 5.46 -2.41 -13.57
N MET A 31 4.77 -1.74 -12.66
CA MET A 31 5.00 -1.96 -11.24
C MET A 31 4.53 -3.35 -10.83
N ALA A 32 3.26 -3.62 -11.09
CA ALA A 32 2.66 -4.91 -10.75
C ALA A 32 3.39 -6.11 -11.34
N ALA A 33 3.72 -6.04 -12.62
CA ALA A 33 4.41 -7.13 -13.29
C ALA A 33 5.78 -7.40 -12.65
N ALA A 34 6.48 -6.33 -12.29
CA ALA A 34 7.79 -6.47 -11.67
C ALA A 34 7.69 -7.19 -10.33
N VAL A 35 6.69 -6.83 -9.53
CA VAL A 35 6.49 -7.46 -8.23
C VAL A 35 6.03 -8.90 -8.38
N ALA A 36 5.09 -9.13 -9.30
CA ALA A 36 4.58 -10.48 -9.54
C ALA A 36 5.73 -11.40 -9.98
N ASN A 37 6.54 -10.92 -10.92
CA ASN A 37 7.67 -11.69 -11.41
C ASN A 37 8.72 -11.88 -10.33
N ALA A 38 8.73 -10.98 -9.34
CA ALA A 38 9.68 -11.05 -8.23
C ALA A 38 9.27 -12.03 -7.14
N GLY A 39 8.06 -12.56 -7.23
CA GLY A 39 7.60 -13.51 -6.23
C GLY A 39 6.64 -12.98 -5.17
N GLY A 40 6.27 -11.70 -5.25
CA GLY A 40 5.36 -11.15 -4.27
C GLY A 40 3.93 -11.03 -4.76
N LEU A 41 3.04 -10.49 -3.91
CA LEU A 41 1.66 -10.31 -4.31
C LEU A 41 1.56 -8.87 -4.80
N ALA A 42 1.36 -8.71 -6.11
CA ALA A 42 1.28 -7.38 -6.70
C ALA A 42 -0.15 -6.92 -6.92
N THR A 43 -0.32 -5.61 -7.10
CA THR A 43 -1.65 -5.05 -7.33
C THR A 43 -1.60 -3.93 -8.36
N LEU A 44 -2.62 -3.90 -9.23
CA LEU A 44 -2.75 -2.84 -10.21
C LEU A 44 -3.74 -1.91 -9.52
N SER A 45 -3.52 -0.60 -9.62
CA SER A 45 -4.44 0.35 -9.01
C SER A 45 -5.63 0.52 -9.94
N ALA A 46 -6.83 0.17 -9.46
CA ALA A 46 -8.04 0.28 -10.27
C ALA A 46 -8.39 1.73 -10.62
N LEU A 47 -8.42 2.59 -9.60
CA LEU A 47 -8.79 3.98 -9.82
C LEU A 47 -7.72 4.84 -10.50
N THR A 48 -6.56 4.25 -10.77
CA THR A 48 -5.52 4.98 -11.48
C THR A 48 -5.98 5.02 -12.93
N GLN A 49 -6.72 3.98 -13.32
CA GLN A 49 -7.26 3.91 -14.68
C GLN A 49 -8.55 4.76 -14.68
N PRO A 50 -8.68 5.67 -15.66
CA PRO A 50 -9.83 6.56 -15.82
C PRO A 50 -11.21 5.97 -16.10
N SER A 51 -11.27 4.70 -16.45
CA SER A 51 -12.56 4.08 -16.73
C SER A 51 -12.48 2.57 -16.59
N PRO A 52 -13.64 1.92 -16.38
CA PRO A 52 -13.61 0.47 -16.24
C PRO A 52 -12.93 -0.15 -17.46
N GLU A 53 -13.21 0.41 -18.64
CA GLU A 53 -12.63 -0.07 -19.89
C GLU A 53 -11.11 0.10 -19.86
N ALA A 54 -10.64 1.23 -19.37
CA ALA A 54 -9.20 1.49 -19.29
C ALA A 54 -8.56 0.44 -18.39
N LEU A 55 -9.24 0.07 -17.29
CA LEU A 55 -8.71 -0.92 -16.37
C LEU A 55 -8.57 -2.29 -17.03
N ALA A 56 -9.57 -2.68 -17.80
CA ALA A 56 -9.55 -3.95 -18.50
C ALA A 56 -8.32 -4.00 -19.39
N ALA A 57 -8.06 -2.89 -20.08
CA ALA A 57 -6.91 -2.81 -20.98
C ALA A 57 -5.59 -2.89 -20.21
N GLU A 58 -5.52 -2.22 -19.06
CA GLU A 58 -4.29 -2.24 -18.28
C GLU A 58 -3.99 -3.65 -17.76
N ILE A 59 -5.04 -4.38 -17.39
CA ILE A 59 -4.86 -5.74 -16.89
C ILE A 59 -4.26 -6.58 -18.02
N ALA A 60 -4.76 -6.37 -19.23
CA ALA A 60 -4.25 -7.09 -20.39
C ALA A 60 -2.79 -6.74 -20.62
N ARG A 61 -2.47 -5.45 -20.53
CA ARG A 61 -1.10 -4.99 -20.72
C ARG A 61 -0.18 -5.62 -19.68
N CYS A 62 -0.66 -5.71 -18.44
CA CYS A 62 0.14 -6.31 -17.38
C CYS A 62 0.41 -7.78 -17.66
N ARG A 63 -0.61 -8.48 -18.17
CA ARG A 63 -0.46 -9.90 -18.48
C ARG A 63 0.54 -10.14 -19.60
N GLU A 64 0.88 -9.10 -20.36
CA GLU A 64 1.85 -9.23 -21.43
C GLU A 64 3.26 -9.13 -20.83
N LEU A 65 3.35 -8.57 -19.63
CA LEU A 65 4.64 -8.40 -18.95
C LEU A 65 4.91 -9.48 -17.91
N THR A 66 3.86 -10.19 -17.48
CA THR A 66 4.02 -11.24 -16.50
C THR A 66 2.98 -12.33 -16.69
N ASP A 67 3.40 -13.58 -16.50
CA ASP A 67 2.51 -14.73 -16.63
C ASP A 67 2.01 -15.16 -15.26
N ARG A 68 2.51 -14.50 -14.21
CA ARG A 68 2.11 -14.81 -12.84
C ARG A 68 0.87 -14.00 -12.45
N PRO A 69 0.02 -14.57 -11.59
CA PRO A 69 -1.20 -13.89 -11.13
C PRO A 69 -0.88 -12.63 -10.32
N PHE A 70 -1.79 -11.67 -10.37
CA PHE A 70 -1.63 -10.43 -9.62
C PHE A 70 -3.01 -9.95 -9.21
N GLY A 71 -3.07 -9.07 -8.23
CA GLY A 71 -4.36 -8.59 -7.77
C GLY A 71 -4.64 -7.18 -8.22
N VAL A 72 -5.76 -6.64 -7.76
CA VAL A 72 -6.16 -5.28 -8.09
C VAL A 72 -6.63 -4.58 -6.82
N ASN A 73 -6.18 -3.34 -6.65
CA ASN A 73 -6.59 -2.54 -5.50
C ASN A 73 -7.78 -1.67 -5.88
N LEU A 74 -8.80 -1.69 -5.04
CA LEU A 74 -9.98 -0.88 -5.26
C LEU A 74 -10.13 0.01 -4.04
N THR A 75 -9.75 1.27 -4.19
CA THR A 75 -9.83 2.23 -3.09
C THR A 75 -11.15 2.99 -3.16
N LEU A 76 -11.88 2.98 -2.05
CA LEU A 76 -13.18 3.64 -2.00
C LEU A 76 -13.06 5.11 -1.62
N LEU A 77 -12.96 5.95 -2.65
CA LEU A 77 -12.82 7.39 -2.47
C LEU A 77 -14.03 8.01 -1.77
N PRO A 78 -13.78 8.77 -0.69
CA PRO A 78 -14.86 9.41 0.05
C PRO A 78 -15.38 10.64 -0.69
N THR A 79 -14.95 10.79 -1.95
CA THR A 79 -15.35 11.91 -2.78
C THR A 79 -16.84 11.88 -3.10
N GLN A 80 -17.39 13.03 -3.46
CA GLN A 80 -18.81 13.15 -3.80
C GLN A 80 -19.04 12.96 -5.28
N LYS A 81 -17.99 13.08 -6.08
CA LYS A 81 -18.10 12.92 -7.52
C LYS A 81 -18.32 11.44 -7.82
N PRO A 82 -19.47 11.11 -8.45
CA PRO A 82 -19.83 9.74 -8.80
C PRO A 82 -18.72 8.92 -9.46
N VAL A 83 -18.50 7.72 -8.93
CA VAL A 83 -17.50 6.80 -9.45
C VAL A 83 -18.22 5.47 -9.70
N PRO A 84 -18.12 4.94 -10.93
CA PRO A 84 -18.77 3.67 -11.28
C PRO A 84 -18.15 2.46 -10.61
N TYR A 85 -18.00 2.51 -9.29
CA TYR A 85 -17.41 1.40 -8.55
C TYR A 85 -17.92 0.04 -9.01
N ALA A 86 -19.24 -0.09 -9.09
CA ALA A 86 -19.85 -1.34 -9.52
C ALA A 86 -19.30 -1.82 -10.87
N GLU A 87 -19.10 -0.90 -11.79
CA GLU A 87 -18.57 -1.25 -13.11
C GLU A 87 -17.11 -1.65 -13.03
N TYR A 88 -16.35 -0.96 -12.17
CA TYR A 88 -14.94 -1.31 -11.99
C TYR A 88 -14.87 -2.73 -11.44
N ARG A 89 -15.71 -3.03 -10.45
CA ARG A 89 -15.72 -4.37 -9.87
C ARG A 89 -16.02 -5.39 -10.94
N ALA A 90 -17.04 -5.11 -11.74
CA ALA A 90 -17.45 -5.99 -12.83
C ALA A 90 -16.29 -6.27 -13.77
N ALA A 91 -15.52 -5.22 -14.09
CA ALA A 91 -14.37 -5.37 -14.99
C ALA A 91 -13.30 -6.24 -14.35
N ILE A 92 -13.07 -6.07 -13.06
CA ILE A 92 -12.08 -6.86 -12.35
C ILE A 92 -12.44 -8.34 -12.37
N ILE A 93 -13.71 -8.63 -12.06
CA ILE A 93 -14.19 -10.01 -12.05
C ILE A 93 -14.15 -10.63 -13.44
N GLU A 94 -14.71 -9.91 -14.41
CA GLU A 94 -14.74 -10.39 -15.79
C GLU A 94 -13.35 -10.72 -16.32
N ALA A 95 -12.35 -9.98 -15.83
CA ALA A 95 -10.96 -10.18 -16.26
C ALA A 95 -10.28 -11.41 -15.64
N GLY A 96 -10.94 -12.04 -14.68
CA GLY A 96 -10.36 -13.23 -14.07
C GLY A 96 -9.39 -12.96 -12.93
N ILE A 97 -9.46 -11.77 -12.35
CA ILE A 97 -8.60 -11.44 -11.22
C ILE A 97 -9.03 -12.32 -10.05
N ARG A 98 -8.08 -12.97 -9.39
CA ARG A 98 -8.39 -13.85 -8.27
C ARG A 98 -8.27 -13.25 -6.88
N VAL A 99 -7.63 -12.08 -6.77
CA VAL A 99 -7.48 -11.44 -5.47
C VAL A 99 -7.58 -9.92 -5.61
N VAL A 100 -8.26 -9.30 -4.67
CA VAL A 100 -8.45 -7.86 -4.67
C VAL A 100 -8.12 -7.29 -3.30
N GLU A 101 -7.54 -6.09 -3.29
CA GLU A 101 -7.23 -5.40 -2.06
C GLU A 101 -8.17 -4.21 -1.99
N THR A 102 -9.09 -4.22 -1.04
CA THR A 102 -10.02 -3.12 -0.90
C THR A 102 -9.52 -2.22 0.21
N ALA A 103 -9.90 -0.95 0.14
CA ALA A 103 -9.49 0.03 1.13
C ALA A 103 -10.53 1.14 1.12
N GLY A 104 -10.69 1.81 2.25
CA GLY A 104 -11.65 2.89 2.34
C GLY A 104 -12.81 2.54 3.25
N ASN A 105 -13.80 3.43 3.32
CA ASN A 105 -14.95 3.21 4.18
C ASN A 105 -16.08 2.45 3.48
N ASP A 106 -16.84 1.70 4.27
CA ASP A 106 -17.97 0.92 3.77
C ASP A 106 -17.63 0.03 2.57
N PRO A 107 -16.72 -0.94 2.76
CA PRO A 107 -16.33 -1.86 1.68
C PRO A 107 -17.30 -3.03 1.52
N GLY A 108 -18.13 -3.23 2.53
CA GLY A 108 -19.10 -4.31 2.55
C GLY A 108 -19.71 -4.72 1.22
N GLU A 109 -20.39 -3.78 0.56
CA GLU A 109 -21.03 -4.06 -0.72
C GLU A 109 -20.09 -4.72 -1.73
N HIS A 110 -18.88 -4.18 -1.86
CA HIS A 110 -17.90 -4.71 -2.80
C HIS A 110 -17.35 -6.06 -2.37
N ILE A 111 -17.05 -6.21 -1.09
CA ILE A 111 -16.53 -7.46 -0.57
C ILE A 111 -17.47 -8.63 -0.86
N ALA A 112 -18.76 -8.43 -0.60
CA ALA A 112 -19.76 -9.47 -0.83
C ALA A 112 -19.81 -9.87 -2.30
N GLU A 113 -19.80 -8.88 -3.19
CA GLU A 113 -19.85 -9.15 -4.62
C GLU A 113 -18.63 -9.98 -5.03
N PHE A 114 -17.44 -9.54 -4.61
CA PHE A 114 -16.23 -10.28 -4.95
C PHE A 114 -16.32 -11.72 -4.43
N ARG A 115 -16.80 -11.87 -3.20
CA ARG A 115 -16.95 -13.20 -2.60
C ARG A 115 -17.85 -14.10 -3.43
N ARG A 116 -18.97 -13.55 -3.90
CA ARG A 116 -19.91 -14.33 -4.70
C ARG A 116 -19.26 -14.92 -5.95
N HIS A 117 -18.22 -14.28 -6.45
CA HIS A 117 -17.54 -14.77 -7.65
C HIS A 117 -16.23 -15.47 -7.41
N GLY A 118 -16.00 -15.89 -6.17
CA GLY A 118 -14.77 -16.59 -5.85
C GLY A 118 -13.50 -15.75 -5.86
N VAL A 119 -13.64 -14.43 -5.75
CA VAL A 119 -12.47 -13.56 -5.72
C VAL A 119 -12.10 -13.31 -4.27
N LYS A 120 -10.88 -13.66 -3.88
CA LYS A 120 -10.43 -13.45 -2.50
C LYS A 120 -10.30 -11.96 -2.24
N VAL A 121 -10.48 -11.56 -0.99
CA VAL A 121 -10.39 -10.16 -0.62
C VAL A 121 -9.47 -9.89 0.57
N ILE A 122 -8.60 -8.90 0.39
CA ILE A 122 -7.69 -8.46 1.43
C ILE A 122 -8.14 -7.03 1.71
N HIS A 123 -8.57 -6.74 2.94
CA HIS A 123 -9.01 -5.39 3.26
C HIS A 123 -8.01 -4.66 4.13
N LYS A 124 -7.59 -3.49 3.67
CA LYS A 124 -6.63 -2.66 4.40
C LYS A 124 -7.39 -1.90 5.49
N CYS A 125 -6.96 -2.06 6.74
CA CYS A 125 -7.62 -1.42 7.89
C CYS A 125 -6.61 -0.65 8.73
N THR A 126 -7.09 0.37 9.44
CA THR A 126 -6.22 1.20 10.29
C THR A 126 -6.49 1.00 11.77
N ALA A 127 -7.37 0.07 12.12
CA ALA A 127 -7.70 -0.18 13.52
C ALA A 127 -8.21 -1.60 13.73
N VAL A 128 -8.05 -2.11 14.95
CA VAL A 128 -8.51 -3.45 15.26
C VAL A 128 -10.01 -3.60 15.03
N ARG A 129 -10.79 -2.61 15.46
CA ARG A 129 -12.24 -2.66 15.28
C ARG A 129 -12.64 -2.76 13.81
N HIS A 130 -11.88 -2.11 12.93
CA HIS A 130 -12.18 -2.18 11.51
C HIS A 130 -11.84 -3.55 10.96
N ALA A 131 -10.68 -4.08 11.37
CA ALA A 131 -10.25 -5.39 10.91
C ALA A 131 -11.26 -6.46 11.32
N LEU A 132 -11.81 -6.33 12.54
CA LEU A 132 -12.81 -7.28 13.02
C LEU A 132 -14.10 -7.21 12.23
N LYS A 133 -14.54 -6.00 11.88
CA LYS A 133 -15.75 -5.83 11.11
C LYS A 133 -15.53 -6.47 9.74
N ALA A 134 -14.35 -6.23 9.16
CA ALA A 134 -14.00 -6.80 7.86
C ALA A 134 -13.99 -8.33 7.94
N GLU A 135 -13.44 -8.85 9.03
CA GLU A 135 -13.36 -10.30 9.22
C GLU A 135 -14.75 -10.92 9.29
N ARG A 136 -15.67 -10.24 9.98
CA ARG A 136 -17.03 -10.72 10.12
C ARG A 136 -17.74 -10.71 8.77
N LEU A 137 -17.28 -9.82 7.87
CA LEU A 137 -17.86 -9.73 6.53
C LEU A 137 -17.32 -10.84 5.63
N GLY A 138 -16.33 -11.58 6.12
CA GLY A 138 -15.78 -12.68 5.35
C GLY A 138 -14.54 -12.48 4.49
N VAL A 139 -13.74 -11.45 4.76
CA VAL A 139 -12.55 -11.23 3.95
C VAL A 139 -11.57 -12.40 4.17
N ASP A 140 -10.65 -12.58 3.25
CA ASP A 140 -9.68 -13.66 3.36
C ASP A 140 -8.49 -13.29 4.22
N ALA A 141 -8.24 -12.00 4.33
CA ALA A 141 -7.12 -11.51 5.13
C ALA A 141 -7.30 -10.03 5.34
N VAL A 142 -6.62 -9.50 6.34
CA VAL A 142 -6.70 -8.08 6.64
C VAL A 142 -5.30 -7.49 6.63
N SER A 143 -5.19 -6.29 6.08
CA SER A 143 -3.92 -5.60 6.01
C SER A 143 -4.00 -4.52 7.08
N ILE A 144 -3.18 -4.65 8.13
CA ILE A 144 -3.19 -3.69 9.24
C ILE A 144 -2.23 -2.54 8.99
N ASP A 145 -2.78 -1.38 8.64
CA ASP A 145 -1.99 -0.18 8.35
C ASP A 145 -1.71 0.62 9.62
N GLY A 146 -0.43 0.77 9.96
CA GLY A 146 -0.06 1.51 11.15
C GLY A 146 0.24 2.97 10.89
N PHE A 147 0.42 3.73 11.98
CA PHE A 147 0.71 5.16 11.94
C PHE A 147 1.86 5.54 11.00
N GLU A 148 2.81 4.62 10.81
CA GLU A 148 3.98 4.86 9.96
C GLU A 148 3.68 4.98 8.47
N CYS A 149 2.57 4.39 8.03
CA CYS A 149 2.21 4.32 6.62
C CYS A 149 2.06 5.58 5.78
N ALA A 150 2.40 5.43 4.49
CA ALA A 150 2.23 6.51 3.53
C ALA A 150 0.72 6.39 3.32
N GLY A 151 0.04 7.47 2.97
CA GLY A 151 -1.39 7.39 2.74
C GLY A 151 -2.24 7.73 3.96
N HIS A 152 -3.40 7.08 4.08
CA HIS A 152 -4.33 7.34 5.18
C HIS A 152 -4.22 6.36 6.34
N PRO A 153 -3.63 6.81 7.47
CA PRO A 153 -3.46 5.98 8.68
C PRO A 153 -4.65 6.05 9.64
N GLY A 154 -5.66 6.84 9.30
CA GLY A 154 -6.80 6.97 10.19
C GLY A 154 -6.49 8.03 11.23
N GLU A 155 -7.28 8.12 12.29
CA GLU A 155 -7.07 9.14 13.30
C GLU A 155 -6.68 8.64 14.70
N ASP A 156 -6.44 7.35 14.87
CA ASP A 156 -6.09 6.82 16.19
C ASP A 156 -4.62 7.01 16.56
N ASP A 157 -3.76 7.13 15.54
CA ASP A 157 -2.34 7.31 15.74
C ASP A 157 -1.69 6.19 16.55
N ILE A 158 -1.87 4.95 16.08
CA ILE A 158 -1.28 3.80 16.75
C ILE A 158 -0.26 3.16 15.81
N PRO A 159 1.04 3.19 16.17
CA PRO A 159 2.08 2.59 15.33
C PRO A 159 1.98 1.07 15.29
N GLY A 160 2.61 0.47 14.28
CA GLY A 160 2.59 -0.97 14.13
C GLY A 160 3.10 -1.81 15.29
N LEU A 161 4.08 -1.29 16.02
CA LEU A 161 4.64 -2.04 17.15
C LEU A 161 3.57 -2.44 18.15
N VAL A 162 2.53 -1.60 18.28
CA VAL A 162 1.44 -1.89 19.21
C VAL A 162 0.17 -2.33 18.48
N LEU A 163 -0.10 -1.73 17.34
CA LEU A 163 -1.29 -2.07 16.58
C LEU A 163 -1.30 -3.52 16.07
N LEU A 164 -0.15 -4.01 15.64
CA LEU A 164 -0.06 -5.38 15.13
C LEU A 164 -0.35 -6.44 16.20
N PRO A 165 0.35 -6.39 17.35
CA PRO A 165 0.04 -7.42 18.36
C PRO A 165 -1.38 -7.27 18.90
N ALA A 166 -1.89 -6.05 18.92
CA ALA A 166 -3.24 -5.78 19.39
C ALA A 166 -4.24 -6.47 18.44
N ALA A 167 -3.95 -6.41 17.14
CA ALA A 167 -4.80 -7.03 16.14
C ALA A 167 -4.66 -8.55 16.19
N ALA A 168 -3.42 -9.02 16.32
CA ALA A 168 -3.15 -10.45 16.38
C ALA A 168 -3.85 -11.09 17.57
N ASN A 169 -4.04 -10.31 18.63
CA ASN A 169 -4.71 -10.79 19.84
C ASN A 169 -6.19 -11.10 19.61
N ARG A 170 -6.78 -10.49 18.58
CA ARG A 170 -8.21 -10.67 18.33
C ARG A 170 -8.66 -11.28 17.00
N LEU A 171 -7.86 -11.11 15.95
CA LEU A 171 -8.20 -11.64 14.62
C LEU A 171 -7.84 -13.11 14.42
N ARG A 172 -8.55 -13.76 13.49
CA ARG A 172 -8.28 -15.16 13.17
C ARG A 172 -7.72 -15.33 11.76
N VAL A 173 -8.20 -14.52 10.81
CA VAL A 173 -7.71 -14.63 9.44
C VAL A 173 -6.27 -14.10 9.36
N PRO A 174 -5.51 -14.49 8.33
CA PRO A 174 -4.14 -13.99 8.25
C PRO A 174 -4.04 -12.46 8.27
N ILE A 175 -2.94 -11.98 8.84
CA ILE A 175 -2.68 -10.56 8.97
C ILE A 175 -1.48 -10.12 8.14
N ILE A 176 -1.65 -9.00 7.44
CA ILE A 176 -0.57 -8.45 6.63
C ILE A 176 -0.21 -7.13 7.31
N ALA A 177 1.05 -6.98 7.71
CA ALA A 177 1.51 -5.75 8.36
C ALA A 177 1.80 -4.69 7.29
N SER A 178 1.29 -3.48 7.50
CA SER A 178 1.49 -2.41 6.52
C SER A 178 1.90 -1.08 7.15
N GLY A 179 2.88 -0.44 6.53
CA GLY A 179 3.37 0.84 7.03
C GLY A 179 4.68 0.76 7.80
N GLY A 180 5.71 1.40 7.25
CA GLY A 180 7.01 1.42 7.91
C GLY A 180 7.96 0.26 7.65
N PHE A 181 7.64 -0.62 6.70
CA PHE A 181 8.49 -1.77 6.42
C PHE A 181 9.29 -1.57 5.13
N ALA A 182 10.56 -1.96 5.16
CA ALA A 182 11.41 -1.82 3.98
C ALA A 182 12.43 -2.93 3.77
N ASP A 183 12.76 -3.67 4.84
CA ASP A 183 13.76 -4.72 4.72
C ASP A 183 13.48 -5.95 5.55
N GLY A 184 14.47 -6.85 5.61
CA GLY A 184 14.35 -8.08 6.37
C GLY A 184 14.13 -7.89 7.85
N ARG A 185 14.68 -6.81 8.41
CA ARG A 185 14.50 -6.53 9.83
C ARG A 185 13.02 -6.27 10.08
N GLY A 186 12.40 -5.49 9.20
CA GLY A 186 10.99 -5.20 9.34
C GLY A 186 10.15 -6.46 9.19
N LEU A 187 10.51 -7.30 8.22
CA LEU A 187 9.79 -8.56 7.99
C LEU A 187 9.75 -9.42 9.25
N VAL A 188 10.90 -9.67 9.84
CA VAL A 188 10.97 -10.49 11.05
C VAL A 188 10.16 -9.87 12.19
N ALA A 189 10.28 -8.56 12.36
CA ALA A 189 9.53 -7.87 13.40
C ALA A 189 8.03 -8.09 13.17
N ALA A 190 7.59 -7.92 11.93
CA ALA A 190 6.19 -8.10 11.59
C ALA A 190 5.73 -9.51 11.92
N LEU A 191 6.53 -10.50 11.51
CA LEU A 191 6.20 -11.90 11.76
C LEU A 191 6.14 -12.23 13.25
N ALA A 192 7.09 -11.69 14.01
CA ALA A 192 7.14 -11.94 15.44
C ALA A 192 5.94 -11.32 16.16
N LEU A 193 5.48 -10.17 15.66
CA LEU A 193 4.36 -9.44 16.23
C LEU A 193 3.01 -10.10 15.98
N GLY A 194 2.98 -11.09 15.08
CA GLY A 194 1.73 -11.77 14.81
C GLY A 194 1.25 -11.71 13.37
N ALA A 195 1.97 -10.98 12.52
CA ALA A 195 1.59 -10.87 11.11
C ALA A 195 2.17 -12.04 10.33
N ASP A 196 1.63 -12.27 9.13
CA ASP A 196 2.10 -13.38 8.29
C ASP A 196 2.77 -12.87 7.01
N ALA A 197 2.86 -11.56 6.89
CA ALA A 197 3.47 -10.93 5.71
C ALA A 197 3.55 -9.43 5.93
N ILE A 198 4.20 -8.74 5.01
CA ILE A 198 4.30 -7.29 5.08
C ILE A 198 3.87 -6.71 3.75
N ASN A 199 3.28 -5.52 3.81
CA ASN A 199 2.86 -4.81 2.62
C ASN A 199 3.76 -3.58 2.58
N MET A 200 4.18 -3.18 1.38
CA MET A 200 5.03 -1.99 1.24
C MET A 200 4.58 -1.11 0.09
N GLY A 201 4.83 0.18 0.22
CA GLY A 201 4.49 1.14 -0.81
C GLY A 201 5.73 1.95 -1.17
N THR A 202 6.19 2.76 -0.22
CA THR A 202 7.38 3.60 -0.41
C THR A 202 8.60 2.83 -0.94
N ARG A 203 8.86 1.66 -0.35
CA ARG A 203 9.99 0.84 -0.76
C ARG A 203 9.93 0.49 -2.25
N PHE A 204 8.72 0.28 -2.76
CA PHE A 204 8.57 -0.07 -4.18
C PHE A 204 8.74 1.14 -5.09
N LEU A 205 8.57 2.34 -4.55
CA LEU A 205 8.77 3.53 -5.36
C LEU A 205 10.25 3.58 -5.74
N ALA A 206 11.09 3.13 -4.81
CA ALA A 206 12.53 3.12 -5.00
C ALA A 206 13.06 1.81 -5.59
N THR A 207 12.53 1.44 -6.75
CA THR A 207 12.97 0.23 -7.43
C THR A 207 13.15 0.61 -8.90
N ARG A 208 13.94 -0.18 -9.62
CA ARG A 208 14.19 0.11 -11.02
C ARG A 208 12.94 0.10 -11.89
N GLU A 209 12.06 -0.88 -11.68
CA GLU A 209 10.85 -0.98 -12.50
C GLU A 209 9.73 0.02 -12.23
N CYS A 210 9.70 0.62 -11.05
CA CYS A 210 8.64 1.58 -10.75
C CYS A 210 8.63 2.64 -11.85
N PRO A 211 7.50 2.77 -12.57
CA PRO A 211 7.33 3.73 -13.66
C PRO A 211 7.17 5.19 -13.29
N ILE A 212 8.14 5.73 -12.55
CA ILE A 212 8.08 7.14 -12.17
C ILE A 212 9.41 7.81 -12.50
N HIS A 213 9.39 9.13 -12.52
CA HIS A 213 10.58 9.93 -12.84
C HIS A 213 11.73 9.65 -11.89
N PRO A 214 12.95 9.54 -12.42
CA PRO A 214 14.13 9.27 -11.59
C PRO A 214 14.35 10.27 -10.45
N ALA A 215 13.86 11.50 -10.63
CA ALA A 215 14.02 12.52 -9.61
C ALA A 215 13.21 12.20 -8.35
N VAL A 216 12.13 11.45 -8.51
CA VAL A 216 11.29 11.07 -7.38
C VAL A 216 12.02 9.99 -6.59
N LYS A 217 12.58 9.03 -7.31
CA LYS A 217 13.31 7.94 -6.67
C LYS A 217 14.51 8.52 -5.91
N ALA A 218 15.12 9.55 -6.47
CA ALA A 218 16.26 10.20 -5.83
C ALA A 218 15.83 10.92 -4.55
N ALA A 219 14.65 11.52 -4.58
CA ALA A 219 14.12 12.25 -3.44
C ALA A 219 13.88 11.30 -2.26
N ILE A 220 13.36 10.12 -2.56
CA ILE A 220 13.10 9.12 -1.53
C ILE A 220 14.41 8.67 -0.90
N ARG A 221 15.42 8.43 -1.74
CA ARG A 221 16.71 8.01 -1.22
C ARG A 221 17.32 9.07 -0.32
N ALA A 222 17.26 10.33 -0.75
CA ALA A 222 17.82 11.43 0.02
C ALA A 222 17.06 11.76 1.30
N ALA A 223 15.75 11.52 1.30
CA ALA A 223 14.90 11.82 2.46
C ALA A 223 15.18 10.96 3.69
N ASP A 224 15.12 11.58 4.88
CA ASP A 224 15.31 10.83 6.11
C ASP A 224 13.92 10.55 6.70
N GLU A 225 13.88 9.84 7.83
CA GLU A 225 12.59 9.47 8.44
C GLU A 225 11.70 10.63 8.88
N ARG A 226 12.28 11.81 9.07
CA ARG A 226 11.50 12.97 9.54
C ARG A 226 10.97 13.86 8.41
N SER A 227 11.10 13.41 7.16
CA SER A 227 10.65 14.23 6.03
C SER A 227 9.28 13.95 5.43
N THR A 228 8.27 13.78 6.28
CA THR A 228 6.92 13.57 5.79
C THR A 228 5.99 14.47 6.61
N ASP A 229 4.85 14.84 6.02
CA ASP A 229 3.88 15.68 6.70
C ASP A 229 2.53 14.96 6.77
N LEU A 230 1.76 15.27 7.82
CA LEU A 230 0.43 14.69 7.98
C LEU A 230 -0.54 15.82 7.66
N ILE A 231 -1.10 15.80 6.45
CA ILE A 231 -2.03 16.84 6.04
C ILE A 231 -3.48 16.46 6.29
N MET A 232 -4.32 17.48 6.37
CA MET A 232 -5.75 17.33 6.59
C MET A 232 -6.14 16.71 7.92
N ARG A 233 -5.31 16.92 8.94
CA ARG A 233 -5.62 16.38 10.26
C ARG A 233 -6.84 17.12 10.81
N SER A 234 -6.91 18.42 10.51
CA SER A 234 -8.01 19.26 10.98
C SER A 234 -9.33 18.87 10.33
N LEU A 235 -9.26 18.07 9.28
CA LEU A 235 -10.46 17.62 8.57
C LEU A 235 -10.77 16.14 8.83
N ARG A 236 -10.01 15.53 9.72
CA ARG A 236 -10.21 14.12 10.05
C ARG A 236 -10.05 13.28 8.78
N ASN A 237 -9.16 13.72 7.90
CA ASN A 237 -8.90 13.03 6.64
C ASN A 237 -7.37 12.91 6.49
N THR A 238 -6.71 12.74 7.62
CA THR A 238 -5.25 12.63 7.70
C THR A 238 -4.61 11.78 6.62
N ALA A 239 -3.55 12.32 6.03
CA ALA A 239 -2.78 11.62 5.00
C ALA A 239 -1.31 11.95 5.18
N ARG A 240 -0.46 10.92 5.14
CA ARG A 240 0.98 11.15 5.29
C ARG A 240 1.54 11.31 3.89
N VAL A 241 2.20 12.43 3.65
CA VAL A 241 2.76 12.70 2.34
C VAL A 241 4.19 13.21 2.44
N ALA A 242 4.89 13.18 1.32
CA ALA A 242 6.25 13.68 1.26
C ALA A 242 6.22 15.16 1.62
N ARG A 243 7.14 15.60 2.47
CA ARG A 243 7.17 17.00 2.83
C ARG A 243 7.70 17.80 1.66
N ASN A 244 6.93 18.80 1.24
CA ASN A 244 7.33 19.67 0.15
C ASN A 244 6.64 21.00 0.34
N ALA A 245 6.88 21.95 -0.55
CA ALA A 245 6.29 23.28 -0.44
C ALA A 245 4.76 23.21 -0.35
N ILE A 246 4.16 22.28 -1.09
CA ILE A 246 2.71 22.14 -1.09
C ILE A 246 2.13 21.67 0.23
N SER A 247 2.66 20.56 0.76
CA SER A 247 2.16 20.03 2.02
C SER A 247 2.36 21.07 3.13
N GLN A 248 3.49 21.76 3.08
CA GLN A 248 3.79 22.78 4.08
C GLN A 248 2.78 23.93 4.02
N GLU A 249 2.34 24.25 2.81
CA GLU A 249 1.35 25.32 2.64
C GLU A 249 0.01 24.84 3.21
N VAL A 250 -0.32 23.58 2.94
CA VAL A 250 -1.58 23.03 3.45
C VAL A 250 -1.58 23.12 4.96
N LEU A 251 -0.44 22.80 5.58
CA LEU A 251 -0.33 22.86 7.03
C LEU A 251 -0.54 24.29 7.54
N ALA A 252 -0.01 25.26 6.81
CA ALA A 252 -0.16 26.67 7.19
C ALA A 252 -1.63 27.08 7.15
N ILE A 253 -2.34 26.64 6.12
CA ILE A 253 -3.76 26.96 5.97
C ILE A 253 -4.59 26.37 7.11
N GLU A 254 -4.31 25.11 7.48
CA GLU A 254 -5.04 24.48 8.57
C GLU A 254 -4.76 25.16 9.90
N ALA A 255 -3.50 25.56 10.09
CA ALA A 255 -3.08 26.22 11.32
C ALA A 255 -3.86 27.50 11.60
N ARG A 256 -4.23 28.21 10.53
CA ARG A 256 -4.99 29.46 10.67
C ARG A 256 -6.38 29.19 11.23
N GLY A 257 -6.80 27.93 11.15
CA GLY A 257 -8.12 27.55 11.66
C GLY A 257 -9.25 27.86 10.70
N GLY A 258 -10.40 27.22 10.94
CA GLY A 258 -11.56 27.43 10.09
C GLY A 258 -11.34 27.08 8.64
N ALA A 259 -10.46 26.13 8.37
CA ALA A 259 -10.18 25.71 7.00
C ALA A 259 -11.02 24.52 6.58
N GLY A 260 -11.51 24.57 5.34
CA GLY A 260 -12.32 23.48 4.80
C GLY A 260 -11.62 22.87 3.60
N TYR A 261 -12.10 21.71 3.16
CA TYR A 261 -11.48 21.05 2.02
C TYR A 261 -11.41 21.94 0.78
N ALA A 262 -12.39 22.82 0.63
CA ALA A 262 -12.44 23.72 -0.51
C ALA A 262 -11.26 24.69 -0.49
N ASP A 263 -10.73 24.95 0.70
CA ASP A 263 -9.60 25.85 0.85
C ASP A 263 -8.27 25.20 0.51
N ILE A 264 -8.29 23.91 0.19
CA ILE A 264 -7.06 23.19 -0.14
C ILE A 264 -7.19 22.25 -1.32
N ALA A 265 -8.41 22.13 -1.86
CA ALA A 265 -8.67 21.24 -2.99
C ALA A 265 -7.68 21.45 -4.13
N ALA A 266 -7.39 22.71 -4.45
CA ALA A 266 -6.48 23.04 -5.54
C ALA A 266 -5.06 22.53 -5.27
N LEU A 267 -4.61 22.65 -4.02
CA LEU A 267 -3.27 22.20 -3.65
C LEU A 267 -3.11 20.69 -3.65
N VAL A 268 -4.01 20.01 -2.94
CA VAL A 268 -3.96 18.56 -2.83
C VAL A 268 -4.47 17.82 -4.07
N SER A 269 -4.86 18.59 -5.08
CA SER A 269 -5.37 18.03 -6.32
C SER A 269 -4.60 16.82 -6.82
N GLY A 270 -5.34 15.76 -7.17
CA GLY A 270 -4.73 14.55 -7.67
C GLY A 270 -4.10 14.76 -9.03
N GLN A 271 -4.76 15.57 -9.86
CA GLN A 271 -4.24 15.85 -11.20
C GLN A 271 -2.90 16.53 -11.06
N ARG A 272 -2.77 17.35 -10.02
CA ARG A 272 -1.53 18.06 -9.76
C ARG A 272 -0.47 17.13 -9.16
N GLY A 273 -0.90 16.22 -8.29
CA GLY A 273 0.01 15.28 -7.67
C GLY A 273 0.58 14.23 -8.61
N ARG A 274 -0.23 13.79 -9.56
CA ARG A 274 0.23 12.78 -10.51
C ARG A 274 1.41 13.27 -11.35
N GLN A 275 1.49 14.58 -11.55
CA GLN A 275 2.58 15.15 -12.35
C GLN A 275 3.93 15.05 -11.63
N VAL A 276 3.90 14.85 -10.32
CA VAL A 276 5.13 14.69 -9.57
C VAL A 276 5.86 13.47 -10.11
N TYR A 277 5.14 12.37 -10.24
CA TYR A 277 5.70 11.10 -10.73
C TYR A 277 6.10 11.14 -12.20
N GLN A 278 5.36 11.92 -12.98
CA GLN A 278 5.63 12.03 -14.41
C GLN A 278 6.77 12.99 -14.75
N GLN A 279 6.65 14.23 -14.28
CA GLN A 279 7.67 15.25 -14.56
C GLN A 279 8.87 15.25 -13.61
N GLY A 280 8.69 14.70 -12.42
CA GLY A 280 9.80 14.66 -11.47
C GLY A 280 9.95 15.93 -10.65
N ASP A 281 8.94 16.81 -10.68
CA ASP A 281 9.01 18.04 -9.90
C ASP A 281 8.31 17.76 -8.57
N THR A 282 9.11 17.44 -7.57
CA THR A 282 8.60 17.10 -6.24
C THR A 282 7.80 18.19 -5.52
N ASP A 283 7.70 19.38 -6.11
CA ASP A 283 6.92 20.45 -5.48
C ASP A 283 5.65 20.79 -6.27
N LEU A 284 5.46 20.16 -7.41
CA LEU A 284 4.27 20.41 -8.22
C LEU A 284 3.00 20.15 -7.45
N GLY A 285 3.02 19.15 -6.57
CA GLY A 285 1.84 18.83 -5.81
C GLY A 285 2.07 17.81 -4.70
N ILE A 286 0.98 17.34 -4.12
CA ILE A 286 1.06 16.35 -3.04
C ILE A 286 1.31 14.96 -3.59
N TRP A 287 2.27 14.26 -2.99
CA TRP A 287 2.55 12.89 -3.38
C TRP A 287 2.81 12.08 -2.10
N SER A 288 2.37 10.82 -2.12
CA SER A 288 2.51 9.94 -0.97
C SER A 288 3.89 9.34 -0.77
N ALA A 289 4.30 9.32 0.49
CA ALA A 289 5.59 8.76 0.88
C ALA A 289 5.53 8.51 2.38
N GLY A 290 6.16 7.42 2.82
CA GLY A 290 6.15 7.10 4.23
C GLY A 290 7.46 7.47 4.90
N MET A 291 7.45 7.53 6.24
CA MET A 291 8.66 7.86 6.98
C MET A 291 9.73 6.79 6.78
N VAL A 292 9.30 5.63 6.30
CA VAL A 292 10.23 4.54 6.06
C VAL A 292 11.27 4.92 4.99
N GLN A 293 11.03 6.03 4.30
CA GLN A 293 11.96 6.51 3.28
C GLN A 293 13.34 6.70 3.94
N GLY A 294 13.33 6.99 5.24
CA GLY A 294 14.57 7.18 5.97
C GLY A 294 15.44 5.94 6.07
N LEU A 295 14.91 4.80 5.67
CA LEU A 295 15.65 3.54 5.71
C LEU A 295 16.00 3.09 4.29
N ILE A 296 15.65 3.94 3.33
CA ILE A 296 15.87 3.63 1.92
C ILE A 296 16.90 4.55 1.26
N ASP A 297 17.94 3.96 0.68
CA ASP A 297 18.95 4.77 0.00
C ASP A 297 19.45 4.12 -1.28
N ASP A 298 18.74 3.11 -1.77
CA ASP A 298 19.15 2.44 -3.00
C ASP A 298 18.02 2.31 -4.01
N GLU A 299 18.26 1.55 -5.08
CA GLU A 299 17.27 1.38 -6.13
C GLU A 299 17.46 0.04 -6.83
N PRO A 300 17.17 -1.06 -6.13
CA PRO A 300 17.33 -2.40 -6.70
C PRO A 300 16.18 -2.79 -7.62
N ALA A 301 16.39 -3.86 -8.37
CA ALA A 301 15.36 -4.40 -9.25
C ALA A 301 14.44 -5.10 -8.25
N CYS A 302 13.16 -5.19 -8.54
CA CYS A 302 12.23 -5.85 -7.63
C CYS A 302 12.61 -7.28 -7.29
N ALA A 303 13.17 -8.00 -8.27
CA ALA A 303 13.55 -9.40 -8.06
C ALA A 303 14.61 -9.56 -6.97
N GLU A 304 15.69 -8.79 -7.06
CA GLU A 304 16.74 -8.87 -6.06
C GLU A 304 16.27 -8.33 -4.72
N LEU A 305 15.44 -7.29 -4.76
CA LEU A 305 14.90 -6.67 -3.56
C LEU A 305 14.20 -7.71 -2.68
N LEU A 306 13.17 -8.35 -3.23
CA LEU A 306 12.43 -9.34 -2.47
C LEU A 306 13.35 -10.48 -2.04
N ARG A 307 14.26 -10.86 -2.93
CA ARG A 307 15.22 -11.93 -2.64
C ARG A 307 16.06 -11.54 -1.44
N ASP A 308 16.57 -10.31 -1.45
CA ASP A 308 17.41 -9.84 -0.36
C ASP A 308 16.64 -9.70 0.95
N ILE A 309 15.38 -9.29 0.87
CA ILE A 309 14.59 -9.13 2.08
C ILE A 309 14.40 -10.47 2.80
N VAL A 310 14.01 -11.51 2.07
CA VAL A 310 13.80 -12.80 2.72
C VAL A 310 15.09 -13.46 3.17
N GLU A 311 16.19 -13.23 2.45
CA GLU A 311 17.47 -13.81 2.84
C GLU A 311 17.98 -13.11 4.09
N GLN A 312 17.77 -11.79 4.15
CA GLN A 312 18.20 -11.01 5.32
C GLN A 312 17.39 -11.48 6.52
N ALA A 313 16.08 -11.59 6.34
CA ALA A 313 15.21 -12.05 7.41
C ALA A 313 15.63 -13.44 7.89
N ARG A 314 15.94 -14.34 6.95
CA ARG A 314 16.36 -15.69 7.33
C ARG A 314 17.63 -15.64 8.17
N GLN A 315 18.58 -14.83 7.74
CA GLN A 315 19.85 -14.69 8.46
C GLN A 315 19.64 -14.11 9.85
N LEU A 316 18.72 -13.15 9.97
CA LEU A 316 18.44 -12.54 11.26
C LEU A 316 17.95 -13.58 12.25
N VAL A 317 17.16 -14.53 11.76
CA VAL A 317 16.62 -15.59 12.60
C VAL A 317 17.70 -16.62 12.98
N ARG A 318 18.34 -17.19 11.96
CA ARG A 318 19.35 -18.23 12.18
C ARG A 318 20.71 -17.78 12.68
N GLN A 319 21.09 -16.54 12.42
CA GLN A 319 22.38 -16.04 12.89
C GLN A 319 22.23 -15.16 14.12
N ARG A 320 21.63 -13.99 13.95
CA ARG A 320 21.47 -13.05 15.06
C ARG A 320 20.65 -13.55 16.25
N LEU A 321 19.41 -13.96 16.00
CA LEU A 321 18.53 -14.43 17.07
C LEU A 321 18.92 -15.77 17.70
N GLU A 322 19.17 -16.78 16.87
CA GLU A 322 19.57 -18.09 17.40
C GLU A 322 20.90 -17.92 18.14
N GLY A 323 21.74 -17.03 17.63
CA GLY A 323 23.02 -16.79 18.25
C GLY A 323 22.89 -16.29 19.67
N MET A 324 21.88 -15.46 19.93
CA MET A 324 21.65 -14.93 21.27
C MET A 324 21.14 -16.04 22.19
N LEU A 325 20.54 -17.05 21.58
CA LEU A 325 19.99 -18.18 22.34
C LEU A 325 21.00 -19.29 22.57
N ALA A 326 22.15 -19.20 21.90
CA ALA A 326 23.19 -20.21 22.04
C ALA A 326 24.26 -19.78 23.05
#